data_7O2U
#
_entry.id   7O2U
#
_cell.length_a   120.433
_cell.length_b   120.433
_cell.length_c   115.784
_cell.angle_alpha   90.000
_cell.angle_beta   90.000
_cell.angle_gamma   120.000
#
_symmetry.space_group_name_H-M   'P 65 2 2'
#
loop_
_entity.id
_entity.type
_entity.pdbx_description
1 polymer 'LysR family transcriptional regulator'
2 non-polymer 2-[4-[(2S)-3-(6-chloranyl-4-oxidanylidene-quinazolin-3-yl)-2-oxidanyl-propoxy]phenoxy]ethanenitrile
#
_entity_poly.entity_id   1
_entity_poly.type   'polypeptide(L)'
_entity_poly.pdbx_seq_one_letter_code
;MGSSHHHHHHSSGLVPRGSHMASNLRVLLDTAIPPSFCDTVSSVLLDDFNMVSLIRTSPADSLATIKQDNAEIDIAITID
EELKISRFNQCVLGYTKAFVVAHPQHPLCNASLHSIASLANYRQISLGSRSGQHSNLLRPVSDKVLFVENFDDMLRLVEA
GVGWGIAPHYFVEERLRNGTLAVLSELYEPGGIDTKVYCYYNTALESERSFLRFLESARQRLRELGRQRFDDAPAWQPS
;
_entity_poly.pdbx_strand_id   AAA
#
loop_
_chem_comp.id
_chem_comp.type
_chem_comp.name
_chem_comp.formula
V0H non-polymer 2-[4-[(2S)-3-(6-chloranyl-4-oxidanylidene-quinazolin-3-yl)-2-oxidanyl-propoxy]phenoxy]ethanenitrile 'C19 H16 Cl N3 O4'
#
# COMPACT_ATOMS: atom_id res chain seq x y z
N ASN A 24 18.27 -11.00 15.77
CA ASN A 24 17.94 -10.59 14.35
C ASN A 24 16.43 -10.38 14.21
N LEU A 25 16.01 -9.15 13.87
CA LEU A 25 14.61 -8.81 13.53
C LEU A 25 14.50 -8.56 12.02
N ARG A 26 13.49 -9.12 11.37
CA ARG A 26 13.18 -8.95 9.93
C ARG A 26 11.84 -8.21 9.81
N VAL A 27 11.79 -7.14 9.01
CA VAL A 27 10.58 -6.28 8.83
C VAL A 27 10.28 -6.14 7.33
N LEU A 28 9.02 -6.36 6.96
CA LEU A 28 8.53 -6.24 5.56
C LEU A 28 7.66 -4.98 5.48
N LEU A 29 7.93 -4.13 4.49
CA LEU A 29 7.17 -2.88 4.22
C LEU A 29 6.65 -2.92 2.79
N ASP A 30 5.34 -2.96 2.58
CA ASP A 30 4.78 -2.96 1.20
C ASP A 30 5.08 -1.57 0.61
N THR A 31 5.11 -1.47 -0.72
CA THR A 31 5.55 -0.26 -1.47
C THR A 31 4.48 0.84 -1.34
N ALA A 32 3.32 0.53 -0.75
CA ALA A 32 2.22 1.50 -0.52
C ALA A 32 2.59 2.41 0.65
N ILE A 33 3.39 1.90 1.59
CA ILE A 33 3.89 2.67 2.77
C ILE A 33 4.91 3.69 2.27
N PRO A 34 4.77 4.99 2.63
CA PRO A 34 5.75 6.00 2.22
C PRO A 34 7.15 5.62 2.72
N PRO A 35 8.23 5.90 1.96
CA PRO A 35 9.57 5.51 2.38
C PRO A 35 10.03 6.39 3.56
N SER A 36 9.40 7.56 3.73
CA SER A 36 9.63 8.50 4.85
C SER A 36 9.24 7.84 6.19
N PHE A 37 8.22 6.98 6.19
CA PHE A 37 7.78 6.19 7.38
C PHE A 37 8.97 5.43 7.96
N CYS A 38 9.60 4.65 7.08
CA CYS A 38 10.72 3.72 7.36
C CYS A 38 11.86 4.43 8.09
N ASP A 39 11.79 5.76 8.27
CA ASP A 39 12.86 6.60 8.89
C ASP A 39 12.83 6.42 10.41
N THR A 40 11.97 7.16 11.12
CA THR A 40 11.93 7.19 12.62
C THR A 40 11.76 5.74 13.11
N VAL A 41 10.96 4.95 12.39
CA VAL A 41 10.70 3.51 12.68
C VAL A 41 12.02 2.75 12.84
N SER A 42 12.82 2.64 11.78
CA SER A 42 14.07 1.84 11.74
C SER A 42 15.03 2.29 12.85
N SER A 43 15.08 3.60 13.11
CA SER A 43 15.83 4.23 14.23
C SER A 43 15.36 3.65 15.58
N VAL A 44 14.04 3.56 15.78
CA VAL A 44 13.39 3.10 17.05
C VAL A 44 13.86 1.67 17.33
N LEU A 45 13.77 0.81 16.32
CA LEU A 45 14.03 -0.64 16.40
C LEU A 45 15.50 -0.89 16.76
N LEU A 46 16.41 -0.04 16.26
CA LEU A 46 17.89 -0.22 16.41
C LEU A 46 18.32 0.06 17.86
N ASP A 47 17.59 0.91 18.59
CA ASP A 47 17.83 1.18 20.03
C ASP A 47 17.68 -0.13 20.80
N ASP A 48 16.65 -0.93 20.47
CA ASP A 48 16.26 -2.17 21.18
C ASP A 48 16.93 -3.38 20.51
N PHE A 49 16.79 -3.53 19.20
CA PHE A 49 17.32 -4.67 18.40
C PHE A 49 18.68 -4.28 17.79
N ASN A 50 19.60 -5.24 17.68
CA ASN A 50 21.02 -5.00 17.29
C ASN A 50 21.21 -5.29 15.80
N MET A 51 20.46 -6.25 15.23
CA MET A 51 20.34 -6.42 13.76
C MET A 51 18.87 -6.29 13.35
N VAL A 52 18.59 -5.45 12.34
CA VAL A 52 17.24 -5.15 11.79
C VAL A 52 17.31 -5.18 10.27
N SER A 53 16.50 -6.02 9.63
CA SER A 53 16.45 -6.18 8.15
C SER A 53 15.12 -5.64 7.62
N LEU A 54 15.18 -4.71 6.65
CA LEU A 54 13.99 -4.07 6.02
C LEU A 54 13.79 -4.62 4.59
N ILE A 55 12.60 -5.14 4.29
CA ILE A 55 12.25 -5.75 2.98
C ILE A 55 11.06 -4.99 2.38
N ARG A 56 11.23 -4.37 1.21
CA ARG A 56 10.10 -3.83 0.40
C ARG A 56 9.43 -5.00 -0.34
N THR A 57 8.12 -4.92 -0.56
CA THR A 57 7.34 -5.89 -1.37
C THR A 57 6.10 -5.20 -1.92
N SER A 58 5.55 -5.66 -3.05
CA SER A 58 4.23 -5.20 -3.56
C SER A 58 3.20 -5.44 -2.46
N PRO A 59 2.23 -4.51 -2.26
CA PRO A 59 1.09 -4.81 -1.40
C PRO A 59 0.49 -6.19 -1.71
N ALA A 60 0.50 -6.56 -2.99
CA ALA A 60 -0.11 -7.80 -3.50
C ALA A 60 0.68 -9.04 -3.05
N ASP A 61 1.94 -8.88 -2.65
CA ASP A 61 2.82 -10.01 -2.22
C ASP A 61 3.06 -9.97 -0.70
N SER A 62 2.74 -8.85 -0.04
CA SER A 62 3.01 -8.61 1.41
C SER A 62 2.63 -9.83 2.25
N LEU A 63 1.36 -10.25 2.19
CA LEU A 63 0.81 -11.30 3.10
C LEU A 63 1.25 -12.68 2.62
N ALA A 64 1.22 -12.92 1.31
CA ALA A 64 1.68 -14.18 0.67
C ALA A 64 3.09 -14.54 1.17
N THR A 65 3.95 -13.53 1.35
CA THR A 65 5.38 -13.65 1.69
C THR A 65 5.55 -14.14 3.14
N ILE A 66 4.81 -13.57 4.08
CA ILE A 66 4.98 -13.86 5.55
C ILE A 66 4.36 -15.22 5.88
N LYS A 67 3.47 -15.73 5.02
CA LYS A 67 2.82 -17.05 5.19
C LYS A 67 3.85 -18.14 4.92
N GLN A 68 4.74 -17.95 3.94
CA GLN A 68 5.95 -18.79 3.75
C GLN A 68 6.70 -18.86 5.09
N ASP A 69 6.78 -20.04 5.70
CA ASP A 69 7.48 -20.30 6.99
C ASP A 69 8.96 -19.91 6.85
N ASN A 70 9.59 -20.33 5.76
CA ASN A 70 11.05 -20.18 5.49
C ASN A 70 11.44 -18.69 5.44
N ALA A 71 10.51 -17.81 5.02
CA ALA A 71 10.72 -16.34 4.91
C ALA A 71 11.05 -15.74 6.28
N GLU A 72 10.44 -16.27 7.35
CA GLU A 72 10.75 -15.92 8.76
C GLU A 72 10.71 -14.40 8.96
N ILE A 73 9.68 -13.74 8.44
CA ILE A 73 9.39 -12.29 8.75
C ILE A 73 8.82 -12.22 10.16
N ASP A 74 9.31 -11.28 10.97
CA ASP A 74 8.82 -11.04 12.36
C ASP A 74 7.70 -9.99 12.33
N ILE A 75 7.79 -9.00 11.43
CA ILE A 75 6.83 -7.86 11.35
C ILE A 75 6.61 -7.48 9.89
N ALA A 76 5.35 -7.48 9.45
CA ALA A 76 4.92 -6.96 8.12
C ALA A 76 4.08 -5.69 8.34
N ILE A 77 4.36 -4.68 7.52
CA ILE A 77 3.65 -3.37 7.52
C ILE A 77 3.09 -3.14 6.12
N THR A 78 1.79 -3.41 5.95
CA THR A 78 1.13 -3.49 4.63
C THR A 78 -0.31 -2.96 4.75
N ILE A 79 -0.88 -2.49 3.64
CA ILE A 79 -2.27 -1.98 3.55
C ILE A 79 -3.25 -3.15 3.39
N ASP A 80 -2.75 -4.30 2.92
CA ASP A 80 -3.57 -5.51 2.62
C ASP A 80 -4.11 -6.09 3.93
N GLU A 81 -5.31 -6.67 3.87
CA GLU A 81 -6.04 -7.16 5.07
C GLU A 81 -6.46 -8.63 4.87
N GLU A 82 -6.42 -9.40 5.96
CA GLU A 82 -7.02 -10.75 6.09
C GLU A 82 -7.41 -10.96 7.55
N LEU A 83 -8.49 -11.71 7.79
CA LEU A 83 -9.19 -11.78 9.09
C LEU A 83 -8.29 -12.47 10.14
N LYS A 84 -7.50 -13.47 9.73
CA LYS A 84 -6.56 -14.17 10.65
C LYS A 84 -5.54 -14.94 9.81
N ILE A 85 -4.25 -14.65 9.99
CA ILE A 85 -3.11 -15.46 9.48
C ILE A 85 -2.64 -16.36 10.64
N SER A 86 -2.09 -17.52 10.31
CA SER A 86 -1.49 -18.47 11.30
C SER A 86 -0.34 -17.79 12.03
N ARG A 87 -0.32 -17.88 13.36
CA ARG A 87 0.79 -17.48 14.28
C ARG A 87 1.20 -16.01 14.05
N PHE A 88 0.26 -15.16 13.61
CA PHE A 88 0.44 -13.71 13.41
C PHE A 88 -0.79 -12.96 13.93
N ASN A 89 -0.59 -12.02 14.86
CA ASN A 89 -1.65 -11.06 15.28
C ASN A 89 -1.59 -9.84 14.36
N GLN A 90 -2.69 -9.09 14.29
CA GLN A 90 -2.85 -7.89 13.43
C GLN A 90 -3.17 -6.69 14.33
N CYS A 91 -2.78 -5.48 13.95
CA CYS A 91 -3.25 -4.22 14.57
C CYS A 91 -3.05 -3.07 13.58
N VAL A 92 -3.57 -1.89 13.90
CA VAL A 92 -3.59 -0.72 12.97
C VAL A 92 -2.54 0.28 13.43
N LEU A 93 -1.55 0.56 12.58
CA LEU A 93 -0.50 1.58 12.84
C LEU A 93 -1.08 2.96 12.57
N GLY A 94 -1.80 3.10 11.45
CA GLY A 94 -2.46 4.35 11.06
C GLY A 94 -3.21 4.23 9.76
N TYR A 95 -3.28 5.35 9.03
CA TYR A 95 -4.10 5.52 7.81
C TYR A 95 -3.25 6.29 6.79
N THR A 96 -3.52 6.07 5.51
CA THR A 96 -2.77 6.64 4.37
C THR A 96 -3.71 6.73 3.18
N LYS A 97 -3.49 7.70 2.29
CA LYS A 97 -4.43 8.03 1.19
C LYS A 97 -3.82 7.53 -0.12
N ALA A 98 -4.60 6.74 -0.86
CA ALA A 98 -4.37 6.41 -2.29
C ALA A 98 -5.37 7.24 -3.11
N PHE A 99 -5.11 7.38 -4.40
CA PHE A 99 -6.01 8.08 -5.36
C PHE A 99 -6.13 7.26 -6.64
N VAL A 100 -7.31 7.31 -7.27
CA VAL A 100 -7.52 6.79 -8.65
C VAL A 100 -6.99 7.88 -9.59
N VAL A 101 -6.05 7.52 -10.46
CA VAL A 101 -5.34 8.46 -11.37
C VAL A 101 -5.44 7.93 -12.80
N ALA A 102 -5.47 8.85 -13.77
CA ALA A 102 -5.48 8.58 -15.23
C ALA A 102 -4.78 9.72 -15.99
N HIS A 103 -4.65 9.56 -17.31
CA HIS A 103 -4.18 10.61 -18.25
C HIS A 103 -5.15 11.79 -18.18
N PRO A 104 -4.68 13.06 -18.16
CA PRO A 104 -5.58 14.22 -18.07
C PRO A 104 -6.57 14.36 -19.24
N GLN A 105 -6.41 13.57 -20.32
CA GLN A 105 -7.33 13.55 -21.49
C GLN A 105 -8.04 12.19 -21.58
N HIS A 106 -7.94 11.36 -20.53
CA HIS A 106 -8.62 10.04 -20.41
C HIS A 106 -10.11 10.22 -20.65
N PRO A 107 -10.81 9.28 -21.33
CA PRO A 107 -12.24 9.43 -21.62
C PRO A 107 -13.08 10.11 -20.52
N LEU A 108 -12.75 9.87 -19.25
CA LEU A 108 -13.51 10.38 -18.08
C LEU A 108 -12.59 11.26 -17.22
N CYS A 109 -11.66 11.96 -17.88
CA CYS A 109 -10.51 12.72 -17.29
C CYS A 109 -10.96 13.62 -16.14
N ASN A 110 -12.18 14.19 -16.24
CA ASN A 110 -12.76 15.09 -15.21
C ASN A 110 -14.27 14.85 -15.06
N ALA A 111 -14.85 13.92 -15.83
CA ALA A 111 -16.28 13.54 -15.74
C ALA A 111 -16.61 13.14 -14.30
N SER A 112 -17.92 13.05 -13.98
CA SER A 112 -18.45 13.05 -12.60
C SER A 112 -18.60 11.62 -12.05
N LEU A 113 -19.42 11.48 -11.01
CA LEU A 113 -19.79 10.21 -10.33
C LEU A 113 -20.31 9.17 -11.34
N HIS A 114 -20.86 9.61 -12.49
CA HIS A 114 -21.32 8.70 -13.59
C HIS A 114 -20.13 7.89 -14.08
N SER A 115 -19.07 8.58 -14.50
CA SER A 115 -17.82 8.00 -15.07
C SER A 115 -17.06 7.19 -14.00
N ILE A 116 -17.34 7.41 -12.71
CA ILE A 116 -16.74 6.67 -11.56
C ILE A 116 -17.36 5.26 -11.48
N ALA A 117 -18.64 5.11 -11.82
CA ALA A 117 -19.29 3.80 -12.01
C ALA A 117 -18.63 3.07 -13.18
N SER A 118 -18.27 3.84 -14.23
CA SER A 118 -17.77 3.38 -15.56
C SER A 118 -16.37 2.78 -15.47
N LEU A 119 -15.61 3.06 -14.40
CA LEU A 119 -14.22 2.55 -14.21
C LEU A 119 -14.18 1.02 -14.38
N ALA A 120 -15.28 0.33 -14.09
CA ALA A 120 -15.42 -1.14 -14.23
C ALA A 120 -15.40 -1.56 -15.71
N ASN A 121 -15.41 -0.59 -16.65
CA ASN A 121 -15.43 -0.82 -18.12
C ASN A 121 -14.10 -0.42 -18.76
N TYR A 122 -13.49 0.67 -18.31
CA TYR A 122 -12.21 1.20 -18.84
C TYR A 122 -11.08 0.36 -18.29
N ARG A 123 -9.96 0.30 -19.04
CA ARG A 123 -8.81 -0.58 -18.73
C ARG A 123 -8.15 -0.08 -17.44
N GLN A 124 -8.00 -0.97 -16.46
CA GLN A 124 -7.30 -0.72 -15.17
C GLN A 124 -5.88 -1.30 -15.24
N ILE A 125 -4.90 -0.56 -14.73
CA ILE A 125 -3.51 -1.03 -14.46
C ILE A 125 -3.43 -1.42 -12.98
N SER A 126 -3.37 -2.73 -12.68
CA SER A 126 -3.40 -3.28 -11.30
C SER A 126 -2.06 -3.94 -10.97
N LEU A 127 -1.65 -3.90 -9.69
CA LEU A 127 -0.54 -4.74 -9.18
C LEU A 127 -0.92 -6.20 -9.39
N GLY A 128 -0.05 -7.00 -9.99
CA GLY A 128 -0.16 -8.47 -10.03
C GLY A 128 0.45 -9.04 -8.76
N SER A 129 0.46 -10.38 -8.63
CA SER A 129 0.95 -11.11 -7.42
C SER A 129 1.57 -12.46 -7.83
N ARG A 130 2.71 -12.81 -7.22
CA ARG A 130 3.38 -14.13 -7.43
C ARG A 130 2.32 -15.24 -7.37
N SER A 131 1.65 -15.42 -6.24
CA SER A 131 0.38 -16.18 -6.15
C SER A 131 -0.67 -15.42 -6.97
N GLY A 132 -1.18 -16.02 -8.05
CA GLY A 132 -2.12 -15.36 -9.00
C GLY A 132 -3.29 -14.68 -8.30
N GLN A 133 -3.55 -15.05 -7.04
CA GLN A 133 -4.74 -14.63 -6.24
C GLN A 133 -4.56 -13.20 -5.70
N HIS A 134 -5.68 -12.50 -5.46
CA HIS A 134 -5.77 -11.14 -4.87
C HIS A 134 -6.82 -11.11 -3.74
N SER A 135 -6.55 -10.36 -2.68
CA SER A 135 -7.51 -10.08 -1.57
C SER A 135 -8.68 -9.26 -2.11
N ASN A 136 -9.79 -9.22 -1.38
CA ASN A 136 -10.98 -8.36 -1.70
C ASN A 136 -10.52 -6.92 -1.91
N LEU A 137 -9.57 -6.46 -1.10
CA LEU A 137 -9.10 -5.06 -1.09
C LEU A 137 -8.39 -4.76 -2.41
N LEU A 138 -7.39 -5.56 -2.77
CA LEU A 138 -6.41 -5.23 -3.84
C LEU A 138 -6.85 -5.82 -5.20
N ARG A 139 -7.85 -6.71 -5.22
CA ARG A 139 -8.35 -7.33 -6.47
C ARG A 139 -8.83 -6.25 -7.42
N PRO A 140 -8.51 -6.35 -8.75
CA PRO A 140 -8.97 -5.37 -9.73
C PRO A 140 -10.51 -5.26 -9.80
N VAL A 141 -11.03 -4.11 -10.21
CA VAL A 141 -12.50 -3.83 -10.24
C VAL A 141 -13.05 -4.06 -11.65
N SER A 142 -12.27 -3.79 -12.70
CA SER A 142 -12.72 -3.82 -14.12
C SER A 142 -12.37 -5.17 -14.78
N ASP A 143 -12.92 -5.39 -15.97
CA ASP A 143 -12.73 -6.63 -16.78
C ASP A 143 -11.44 -6.48 -17.56
N LYS A 144 -11.30 -5.36 -18.27
CA LYS A 144 -10.06 -4.95 -18.97
C LYS A 144 -9.01 -4.55 -17.93
N VAL A 145 -8.22 -5.51 -17.44
CA VAL A 145 -7.09 -5.27 -16.49
C VAL A 145 -5.77 -5.68 -17.15
N LEU A 146 -4.68 -5.02 -16.76
CA LEU A 146 -3.29 -5.30 -17.20
C LEU A 146 -2.36 -5.21 -15.99
N PHE A 147 -1.74 -6.33 -15.58
CA PHE A 147 -0.95 -6.44 -14.32
C PHE A 147 0.46 -5.86 -14.48
N VAL A 148 1.00 -5.32 -13.39
CA VAL A 148 2.42 -4.87 -13.24
C VAL A 148 2.91 -5.31 -11.84
N GLU A 149 4.20 -5.13 -11.54
CA GLU A 149 4.83 -5.65 -10.30
C GLU A 149 4.98 -4.53 -9.27
N ASN A 150 4.86 -3.27 -9.68
CA ASN A 150 5.20 -2.09 -8.85
C ASN A 150 4.48 -0.84 -9.37
N PHE A 151 4.47 0.23 -8.59
CA PHE A 151 3.68 1.46 -8.85
C PHE A 151 4.35 2.32 -9.92
N ASP A 152 5.66 2.14 -10.17
CA ASP A 152 6.39 2.87 -11.24
C ASP A 152 5.86 2.37 -12.59
N ASP A 153 6.02 1.06 -12.83
CA ASP A 153 5.47 0.34 -14.01
C ASP A 153 3.98 0.70 -14.17
N MET A 154 3.23 0.82 -13.07
CA MET A 154 1.80 1.21 -13.13
C MET A 154 1.66 2.59 -13.77
N LEU A 155 2.31 3.60 -13.17
CA LEU A 155 2.09 5.03 -13.52
C LEU A 155 2.77 5.37 -14.85
N ARG A 156 3.69 4.53 -15.33
CA ARG A 156 4.28 4.62 -16.70
C ARG A 156 3.15 4.45 -17.73
N LEU A 157 2.46 3.31 -17.66
CA LEU A 157 1.34 2.92 -18.55
C LEU A 157 0.18 3.91 -18.41
N VAL A 158 -0.06 4.41 -17.19
CA VAL A 158 -1.20 5.32 -16.89
C VAL A 158 -0.87 6.72 -17.43
N GLU A 159 0.40 7.14 -17.36
CA GLU A 159 0.89 8.43 -17.95
C GLU A 159 0.77 8.37 -19.48
N ALA A 160 0.89 7.17 -20.06
CA ALA A 160 0.80 6.90 -21.51
C ALA A 160 -0.64 6.51 -21.90
N GLY A 161 -1.63 6.81 -21.07
CA GLY A 161 -3.07 6.68 -21.40
C GLY A 161 -3.52 5.25 -21.65
N VAL A 162 -2.69 4.26 -21.34
CA VAL A 162 -2.99 2.81 -21.56
C VAL A 162 -4.19 2.41 -20.66
N GLY A 163 -4.30 3.06 -19.49
CA GLY A 163 -5.44 2.87 -18.56
C GLY A 163 -5.37 3.81 -17.38
N TRP A 164 -6.16 3.50 -16.34
CA TRP A 164 -6.24 4.21 -15.02
C TRP A 164 -5.76 3.24 -13.94
N GLY A 165 -5.32 3.75 -12.78
CA GLY A 165 -4.82 2.93 -11.66
C GLY A 165 -4.95 3.63 -10.31
N ILE A 166 -4.87 2.87 -9.22
CA ILE A 166 -4.89 3.41 -7.82
C ILE A 166 -3.46 3.33 -7.29
N ALA A 167 -2.86 4.47 -6.95
CA ALA A 167 -1.49 4.54 -6.37
C ALA A 167 -1.51 5.38 -5.10
N PRO A 168 -0.55 5.14 -4.17
CA PRO A 168 -0.43 5.96 -2.97
C PRO A 168 -0.14 7.44 -3.27
N HIS A 169 -0.50 8.31 -2.34
CA HIS A 169 -0.27 9.78 -2.41
C HIS A 169 1.17 10.06 -2.86
N TYR A 170 2.15 9.51 -2.14
CA TYR A 170 3.58 9.88 -2.25
C TYR A 170 4.10 9.62 -3.68
N PHE A 171 3.51 8.68 -4.42
CA PHE A 171 3.87 8.35 -5.83
C PHE A 171 3.27 9.36 -6.80
N VAL A 172 2.16 9.97 -6.42
CA VAL A 172 1.23 10.69 -7.33
C VAL A 172 1.33 12.20 -7.07
N GLU A 173 1.73 12.63 -5.86
CA GLU A 173 1.88 14.08 -5.52
C GLU A 173 2.72 14.76 -6.60
N GLU A 174 3.92 14.21 -6.87
CA GLU A 174 4.89 14.71 -7.87
C GLU A 174 4.17 15.03 -9.19
N ARG A 175 3.59 14.01 -9.81
CA ARG A 175 3.05 14.08 -11.20
C ARG A 175 1.73 14.88 -11.25
N LEU A 176 1.05 15.06 -10.12
CA LEU A 176 -0.23 15.82 -10.05
C LEU A 176 0.10 17.32 -10.15
N ARG A 177 1.10 17.80 -9.39
CA ARG A 177 1.67 19.17 -9.52
C ARG A 177 1.85 19.47 -11.02
N ASN A 178 2.54 18.58 -11.73
CA ASN A 178 3.02 18.77 -13.13
C ASN A 178 1.87 18.63 -14.13
N GLY A 179 0.70 18.17 -13.71
CA GLY A 179 -0.47 17.98 -14.58
C GLY A 179 -0.29 16.84 -15.58
N THR A 180 0.67 15.93 -15.34
CA THR A 180 0.92 14.71 -16.14
C THR A 180 -0.12 13.63 -15.80
N LEU A 181 -0.78 13.74 -14.64
CA LEU A 181 -1.84 12.82 -14.13
C LEU A 181 -3.02 13.63 -13.56
N ALA A 182 -4.22 13.04 -13.60
CA ALA A 182 -5.47 13.61 -13.05
C ALA A 182 -6.12 12.64 -12.06
N VAL A 183 -6.75 13.17 -11.02
CA VAL A 183 -7.49 12.41 -9.96
C VAL A 183 -8.90 12.14 -10.47
N LEU A 184 -9.50 10.99 -10.13
CA LEU A 184 -10.92 10.66 -10.44
C LEU A 184 -11.71 10.34 -9.15
N SER A 185 -11.05 10.19 -8.00
CA SER A 185 -11.61 9.56 -6.79
C SER A 185 -12.45 10.55 -5.98
N GLU A 186 -12.23 11.86 -6.13
CA GLU A 186 -12.70 12.91 -5.18
C GLU A 186 -14.22 12.78 -4.94
N LEU A 187 -15.02 12.54 -5.98
CA LEU A 187 -16.50 12.42 -5.83
C LEU A 187 -16.85 11.14 -5.08
N TYR A 188 -16.02 10.09 -5.19
CA TYR A 188 -16.17 8.83 -4.43
C TYR A 188 -15.77 9.06 -2.97
N GLU A 189 -14.55 9.57 -2.77
CA GLU A 189 -13.98 9.84 -1.42
C GLU A 189 -13.13 11.11 -1.48
N PRO A 190 -13.70 12.27 -1.10
CA PRO A 190 -12.93 13.51 -0.99
C PRO A 190 -11.71 13.37 -0.07
N GLY A 191 -10.62 14.06 -0.41
CA GLY A 191 -9.34 14.01 0.31
C GLY A 191 -8.48 12.86 -0.19
N GLY A 192 -9.05 11.99 -1.03
CA GLY A 192 -8.43 10.72 -1.48
C GLY A 192 -8.94 9.55 -0.66
N ILE A 193 -8.64 8.33 -1.12
CA ILE A 193 -9.21 7.06 -0.58
C ILE A 193 -8.42 6.62 0.66
N ASP A 194 -8.93 6.95 1.84
CA ASP A 194 -8.30 6.54 3.13
C ASP A 194 -8.21 5.02 3.16
N THR A 195 -7.06 4.47 3.55
CA THR A 195 -6.81 3.01 3.68
C THR A 195 -5.92 2.74 4.88
N LYS A 196 -6.28 1.73 5.70
CA LYS A 196 -5.57 1.43 6.96
C LYS A 196 -4.19 0.85 6.62
N VAL A 197 -3.16 1.28 7.36
CA VAL A 197 -1.85 0.58 7.44
C VAL A 197 -1.95 -0.43 8.57
N TYR A 198 -1.83 -1.72 8.26
CA TYR A 198 -1.85 -2.83 9.24
C TYR A 198 -0.42 -3.18 9.63
N CYS A 199 -0.27 -3.72 10.83
CA CYS A 199 0.99 -4.28 11.37
C CYS A 199 0.74 -5.73 11.79
N TYR A 200 1.18 -6.69 10.98
CA TYR A 200 1.14 -8.13 11.30
C TYR A 200 2.44 -8.47 12.01
N TYR A 201 2.36 -9.02 13.22
CA TYR A 201 3.53 -9.34 14.07
C TYR A 201 3.44 -10.78 14.57
N ASN A 202 4.57 -11.50 14.54
CA ASN A 202 4.73 -12.84 15.17
C ASN A 202 4.21 -12.75 16.61
N THR A 203 3.32 -13.68 16.98
CA THR A 203 2.60 -13.71 18.28
C THR A 203 3.61 -13.59 19.43
N ALA A 204 4.87 -14.01 19.19
CA ALA A 204 5.99 -13.97 20.15
C ALA A 204 6.20 -12.54 20.68
N LEU A 205 6.08 -11.53 19.81
CA LEU A 205 6.44 -10.12 20.11
C LEU A 205 5.36 -9.48 20.99
N GLU A 206 4.34 -10.23 21.38
CA GLU A 206 3.11 -9.67 21.97
C GLU A 206 3.42 -9.17 23.39
N SER A 207 4.11 -9.97 24.20
CA SER A 207 4.44 -9.65 25.62
C SER A 207 5.84 -9.01 25.73
N GLU A 208 6.25 -8.22 24.73
CA GLU A 208 7.62 -7.64 24.63
C GLU A 208 7.56 -6.10 24.70
N ARG A 209 8.25 -5.52 25.69
CA ARG A 209 8.42 -4.04 25.83
C ARG A 209 9.01 -3.49 24.53
N SER A 210 9.93 -4.25 23.91
CA SER A 210 10.60 -3.93 22.62
C SER A 210 9.54 -3.43 21.63
N PHE A 211 8.53 -4.27 21.39
CA PHE A 211 7.50 -4.11 20.32
C PHE A 211 6.54 -2.97 20.66
N LEU A 212 5.99 -2.97 21.88
CA LEU A 212 5.12 -1.89 22.44
C LEU A 212 5.74 -0.52 22.12
N ARG A 213 7.05 -0.37 22.37
CA ARG A 213 7.82 0.89 22.18
C ARG A 213 7.83 1.26 20.70
N PHE A 214 8.04 0.26 19.82
CA PHE A 214 8.02 0.45 18.34
C PHE A 214 6.63 0.90 17.87
N LEU A 215 5.58 0.24 18.38
CA LEU A 215 4.15 0.54 18.04
C LEU A 215 3.87 2.02 18.30
N GLU A 216 4.14 2.51 19.52
CA GLU A 216 3.87 3.93 19.90
C GLU A 216 4.50 4.85 18.83
N SER A 217 5.80 4.68 18.60
CA SER A 217 6.62 5.51 17.68
C SER A 217 6.05 5.43 16.27
N ALA A 218 5.84 4.22 15.75
CA ALA A 218 5.32 3.96 14.39
C ALA A 218 3.98 4.68 14.19
N ARG A 219 3.10 4.63 15.20
CA ARG A 219 1.78 5.29 15.18
C ARG A 219 2.00 6.80 15.16
N GLN A 220 2.68 7.33 16.17
CA GLN A 220 3.14 8.73 16.23
C GLN A 220 3.57 9.17 14.82
N ARG A 221 4.40 8.36 14.17
CA ARG A 221 5.00 8.67 12.84
C ARG A 221 3.87 8.95 11.83
N LEU A 222 3.05 7.95 11.52
CA LEU A 222 2.03 8.03 10.43
C LEU A 222 1.06 9.19 10.69
N ARG A 223 0.77 9.53 11.95
CA ARG A 223 -0.07 10.70 12.33
C ARG A 223 0.49 11.96 11.65
N GLU A 224 1.81 12.14 11.67
CA GLU A 224 2.53 13.36 11.21
C GLU A 224 2.44 13.52 9.69
N LEU A 225 2.18 12.45 8.94
CA LEU A 225 2.22 12.45 7.44
C LEU A 225 0.86 12.89 6.86
N GLY A 226 -0.12 13.26 7.69
CA GLY A 226 -1.43 13.79 7.24
C GLY A 226 -2.15 14.52 8.36
N1 V0H B . -13.74 6.05 -8.67
C9 V0H B . -7.07 -2.01 -6.35
C10 V0H B . -7.77 -1.02 -4.15
O4 V0H B . -4.69 -0.86 -5.88
C8 V0H B . -8.54 -2.28 -6.64
C5 V0H B . -10.85 1.31 -6.96
C6 V0H B . -10.97 0.42 -5.91
C4 V0H B . -11.78 2.33 -7.12
C7 V0H B . -9.37 -1.05 -6.94
C3 V0H B . -12.81 2.47 -6.21
C2 V0H B . -13.12 4.81 -6.45
C1 V0H B . -13.48 5.45 -7.72
O2 V0H B . -10.06 -0.61 -5.77
O1 V0H B . -13.68 3.51 -6.38
O3 V0H B . -8.52 -3.13 -7.77
N2 V0H B . -6.81 -1.21 -5.13
C11 V0H B . -6.35 0.24 -2.87
C12 V0H B . -6.11 0.99 -1.70
C13 V0H B . -4.90 1.57 -1.49
C14 V0H B . -3.87 1.41 -2.44
C15 V0H B . -4.06 0.69 -3.58
C16 V0H B . -5.30 0.09 -3.81
C17 V0H B . -5.54 -0.68 -5.01
C18 V0H B . -12.01 0.56 -4.99
C19 V0H B . -12.92 1.59 -5.14
N3 V0H B . -7.60 -0.35 -3.07
CL1 V0H B . -2.32 2.14 -2.20
H10 V0H B . -6.60 -2.88 -6.24
H9 V0H B . -6.68 -1.52 -7.11
H11 V0H B . -8.59 -1.43 -4.29
H7 V0H B . -8.94 -2.70 -5.84
H4 V0H B . -10.16 1.22 -7.59
H3 V0H B . -11.70 2.93 -7.84
H5 V0H B . -8.77 -0.35 -7.27
H6 V0H B . -10.01 -1.28 -7.65
H2 V0H B . -12.14 4.75 -6.38
H1 V0H B . -13.46 5.35 -5.69
H8 V0H B . -7.73 -3.27 -8.01
H12 V0H B . -6.81 1.10 -1.07
H13 V0H B . -4.75 2.07 -0.71
H14 V0H B . -3.37 0.59 -4.21
H15 V0H B . -12.09 -0.04 -4.27
H16 V0H B . -13.61 1.69 -4.53
#